data_7LWF
#
_entry.id   7LWF
#
_cell.length_a   30.473
_cell.length_b   72.420
_cell.length_c   55.592
_cell.angle_alpha   90.000
_cell.angle_beta   106.307
_cell.angle_gamma   90.000
#
_symmetry.space_group_name_H-M   'C 1 2 1'
#
loop_
_entity.id
_entity.type
_entity.pdbx_description
1 polymer 'B-cell lymphoma 6 protein'
2 non-polymer N-(3-chloropyridin-4-yl)-2-[5-(3-cyano-4-hydroxyphenyl)-3-methyl-4-oxo-3,4-dihydro-7H-pyrrolo[2,3-d]pyrimidin-7-yl]acetamide
3 non-polymer GLYCEROL
4 water water
#
_entity_poly.entity_id   1
_entity_poly.type   'polypeptide(L)'
_entity_poly.pdbx_seq_one_letter_code
;ADSQIQFTRHASDVLLNLNRLRSRDILTDVVIVVSREQFRAHKTVLMACSGLFYSIFTDQLKRNLSVINLDPEINPEGFN
ILLDFMYTSRLNLREGNIMAVMATAMYLQMEHVVDTCRKFIKASE
;
_entity_poly.pdbx_strand_id   A
#
# COMPACT_ATOMS: atom_id res chain seq x y z
N SER A 3 -14.22 9.23 -27.23
CA SER A 3 -15.63 9.62 -27.16
C SER A 3 -16.40 8.71 -26.20
N GLN A 4 -15.67 8.01 -25.34
CA GLN A 4 -16.26 7.10 -24.39
C GLN A 4 -17.05 7.77 -23.30
N ILE A 5 -18.10 7.11 -22.83
CA ILE A 5 -18.84 7.65 -21.68
C ILE A 5 -17.96 7.37 -20.46
N GLN A 6 -17.72 8.37 -19.64
CA GLN A 6 -16.86 8.26 -18.46
CA GLN A 6 -16.86 8.29 -18.46
C GLN A 6 -17.72 8.01 -17.23
N PHE A 7 -17.36 6.98 -16.47
CA PHE A 7 -18.01 6.66 -15.21
C PHE A 7 -17.11 7.09 -14.06
N THR A 8 -17.45 8.24 -13.46
CA THR A 8 -16.54 8.94 -12.57
C THR A 8 -16.35 8.25 -11.22
N ARG A 9 -17.26 7.35 -10.84
CA ARG A 9 -17.15 6.67 -9.56
C ARG A 9 -16.68 5.23 -9.70
N HIS A 10 -16.48 4.77 -10.93
CA HIS A 10 -16.17 3.37 -11.17
C HIS A 10 -14.86 2.92 -10.52
N ALA A 11 -13.79 3.70 -10.67
CA ALA A 11 -12.49 3.28 -10.12
C ALA A 11 -12.56 3.18 -8.60
N SER A 12 -13.22 4.13 -7.95
CA SER A 12 -13.33 4.07 -6.51
CA SER A 12 -13.39 4.11 -6.50
C SER A 12 -14.24 2.91 -6.06
N ASP A 13 -15.30 2.61 -6.83
CA ASP A 13 -16.12 1.44 -6.57
C ASP A 13 -15.31 0.15 -6.69
N VAL A 14 -14.47 0.06 -7.71
CA VAL A 14 -13.61 -1.11 -7.85
C VAL A 14 -12.69 -1.25 -6.63
N LEU A 15 -12.04 -0.15 -6.27
CA LEU A 15 -11.07 -0.21 -5.17
C LEU A 15 -11.75 -0.62 -3.85
N LEU A 16 -12.95 -0.10 -3.62
CA LEU A 16 -13.71 -0.45 -2.43
C LEU A 16 -14.01 -1.94 -2.43
N ASN A 17 -14.40 -2.47 -3.58
CA ASN A 17 -14.69 -3.89 -3.65
C ASN A 17 -13.43 -4.76 -3.48
N LEU A 18 -12.29 -4.29 -3.99
CA LEU A 18 -11.02 -5.00 -3.76
C LEU A 18 -10.71 -5.02 -2.27
N ASN A 19 -10.94 -3.90 -1.59
CA ASN A 19 -10.73 -3.89 -0.14
C ASN A 19 -11.67 -4.85 0.59
N ARG A 20 -12.96 -4.89 0.23
N ARG A 20 -12.95 -4.88 0.20
CA ARG A 20 -13.90 -5.86 0.86
CA ARG A 20 -13.94 -5.84 0.79
C ARG A 20 -13.35 -7.29 0.55
C ARG A 20 -13.46 -7.29 0.45
N LEU A 21 -12.83 -7.61 -0.67
CA LEU A 21 -12.22 -8.93 -0.88
C LEU A 21 -11.06 -9.19 0.06
N ARG A 22 -10.20 -8.19 0.25
CA ARG A 22 -9.11 -8.34 1.21
C ARG A 22 -9.65 -8.65 2.60
N SER A 23 -10.70 -7.94 3.01
CA SER A 23 -11.26 -8.12 4.34
C SER A 23 -11.85 -9.51 4.57
N ARG A 24 -12.17 -10.22 3.49
CA ARG A 24 -12.71 -11.58 3.55
C ARG A 24 -11.70 -12.60 3.11
N ASP A 25 -10.47 -12.14 2.88
CA ASP A 25 -9.39 -13.01 2.46
C ASP A 25 -9.73 -13.77 1.19
N ILE A 26 -10.42 -13.11 0.28
CA ILE A 26 -10.85 -13.76 -0.99
C ILE A 26 -9.83 -13.47 -2.09
N LEU A 27 -9.11 -14.47 -2.62
CA LEU A 27 -8.13 -14.40 -3.73
C LEU A 27 -6.87 -13.63 -3.35
N THR A 28 -6.61 -13.46 -2.05
CA THR A 28 -5.33 -12.87 -1.56
C THR A 28 -4.26 -13.90 -1.91
N ASP A 29 -3.09 -13.47 -2.38
CA ASP A 29 -2.07 -14.44 -2.81
C ASP A 29 -0.71 -14.16 -2.15
N VAL A 30 -0.65 -13.31 -1.13
CA VAL A 30 0.67 -13.07 -0.48
C VAL A 30 0.44 -12.68 0.96
N VAL A 31 1.40 -12.99 1.81
CA VAL A 31 1.39 -12.50 3.19
C VAL A 31 2.66 -11.64 3.32
N ILE A 32 2.54 -10.40 3.78
CA ILE A 32 3.65 -9.50 4.00
C ILE A 32 3.96 -9.54 5.48
N VAL A 33 5.19 -9.93 5.81
CA VAL A 33 5.60 -10.08 7.20
C VAL A 33 6.42 -8.86 7.58
N VAL A 34 5.99 -8.19 8.64
CA VAL A 34 6.63 -6.97 9.12
C VAL A 34 6.83 -7.13 10.61
N SER A 35 8.09 -7.44 11.00
N SER A 35 8.08 -7.45 10.99
CA SER A 35 8.51 -7.72 12.40
CA SER A 35 8.49 -7.71 12.40
C SER A 35 7.63 -8.85 12.97
C SER A 35 7.63 -8.85 12.97
N ARG A 36 6.77 -8.61 13.96
CA ARG A 36 5.98 -9.73 14.47
C ARG A 36 4.57 -9.86 13.86
N GLU A 37 4.27 -9.06 12.87
CA GLU A 37 2.93 -8.98 12.29
C GLU A 37 2.89 -9.52 10.88
N GLN A 38 1.69 -9.94 10.47
CA GLN A 38 1.45 -10.43 9.13
C GLN A 38 0.24 -9.73 8.53
N PHE A 39 0.32 -9.36 7.25
CA PHE A 39 -0.76 -8.66 6.52
C PHE A 39 -0.99 -9.37 5.19
N ARG A 40 -2.15 -9.96 4.95
CA ARG A 40 -2.46 -10.61 3.66
C ARG A 40 -2.88 -9.54 2.67
N ALA A 41 -2.63 -9.75 1.38
CA ALA A 41 -2.98 -8.80 0.32
C ALA A 41 -2.98 -9.50 -1.04
N HIS A 42 -3.54 -8.83 -2.01
CA HIS A 42 -3.46 -9.12 -3.45
C HIS A 42 -2.16 -8.51 -4.01
N LYS A 43 -1.32 -9.31 -4.66
CA LYS A 43 -0.05 -8.84 -5.26
C LYS A 43 -0.37 -7.82 -6.34
N THR A 44 -1.45 -7.97 -7.10
CA THR A 44 -1.82 -7.01 -8.16
C THR A 44 -2.01 -5.62 -7.55
N VAL A 45 -2.66 -5.50 -6.41
CA VAL A 45 -2.87 -4.18 -5.77
C VAL A 45 -1.52 -3.65 -5.28
N LEU A 46 -0.71 -4.50 -4.66
CA LEU A 46 0.60 -4.07 -4.19
C LEU A 46 1.43 -3.54 -5.36
N MET A 47 1.48 -4.26 -6.47
CA MET A 47 2.19 -3.81 -7.67
C MET A 47 1.67 -2.51 -8.22
N ALA A 48 0.36 -2.31 -8.11
CA ALA A 48 -0.28 -1.13 -8.66
C ALA A 48 0.00 0.13 -7.84
N CYS A 49 0.47 -0.05 -6.61
CA CYS A 49 0.59 1.06 -5.66
C CYS A 49 2.01 1.34 -5.16
N SER A 50 3.01 0.51 -5.51
CA SER A 50 4.31 0.57 -4.85
C SER A 50 5.41 0.22 -5.82
N GLY A 51 6.41 1.08 -5.93
CA GLY A 51 7.58 0.77 -6.74
C GLY A 51 8.32 -0.46 -6.24
N LEU A 52 8.38 -0.62 -4.92
CA LEU A 52 9.07 -1.77 -4.36
C LEU A 52 8.35 -3.06 -4.75
N PHE A 53 7.05 -3.13 -4.49
CA PHE A 53 6.32 -4.37 -4.79
C PHE A 53 6.23 -4.62 -6.29
N TYR A 54 6.12 -3.58 -7.10
CA TYR A 54 6.16 -3.75 -8.55
C TYR A 54 7.48 -4.44 -8.95
N SER A 55 8.60 -3.91 -8.45
CA SER A 55 9.91 -4.42 -8.86
CA SER A 55 9.91 -4.41 -8.85
C SER A 55 10.10 -5.84 -8.39
N ILE A 56 9.56 -6.18 -7.22
CA ILE A 56 9.67 -7.55 -6.72
C ILE A 56 8.88 -8.50 -7.62
N PHE A 57 7.57 -8.28 -7.75
CA PHE A 57 6.72 -9.28 -8.39
C PHE A 57 6.77 -9.28 -9.92
N THR A 58 7.24 -8.21 -10.55
CA THR A 58 7.36 -8.22 -12.00
C THR A 58 8.43 -9.21 -12.44
N ASP A 59 9.42 -9.42 -11.58
CA ASP A 59 10.52 -10.34 -11.84
C ASP A 59 10.02 -11.78 -11.74
N GLN A 60 10.17 -12.55 -12.81
CA GLN A 60 9.68 -13.92 -12.78
C GLN A 60 10.34 -14.75 -11.67
N LEU A 61 11.51 -14.34 -11.23
CA LEU A 61 12.17 -14.99 -10.11
C LEU A 61 11.32 -14.98 -8.85
N LYS A 62 10.54 -13.91 -8.67
CA LYS A 62 9.83 -13.65 -7.42
C LYS A 62 8.32 -13.58 -7.58
N ARG A 63 7.86 -13.60 -8.81
CA ARG A 63 6.46 -13.40 -9.07
C ARG A 63 5.51 -14.28 -8.28
N ASN A 64 5.90 -15.54 -8.07
CA ASN A 64 5.02 -16.55 -7.43
C ASN A 64 5.29 -16.69 -5.93
N LEU A 65 6.07 -15.80 -5.33
CA LEU A 65 6.32 -15.85 -3.87
C LEU A 65 4.98 -15.68 -3.14
N SER A 66 4.71 -16.47 -2.11
CA SER A 66 3.49 -16.33 -1.28
C SER A 66 3.83 -15.61 0.03
N VAL A 67 5.10 -15.37 0.33
CA VAL A 67 5.50 -14.69 1.59
C VAL A 67 6.59 -13.67 1.24
N ILE A 68 6.47 -12.43 1.71
CA ILE A 68 7.53 -11.44 1.59
C ILE A 68 7.83 -10.91 2.97
N ASN A 69 9.11 -10.98 3.35
CA ASN A 69 9.54 -10.42 4.62
C ASN A 69 10.11 -9.04 4.35
N LEU A 70 9.51 -8.02 4.93
CA LEU A 70 10.06 -6.68 4.79
C LEU A 70 11.26 -6.49 5.69
N ASP A 71 12.01 -5.42 5.44
CA ASP A 71 13.20 -5.08 6.22
C ASP A 71 12.84 -4.98 7.69
N PRO A 72 13.66 -5.54 8.60
CA PRO A 72 13.32 -5.52 10.04
C PRO A 72 13.10 -4.15 10.68
N GLU A 73 13.67 -3.09 10.11
CA GLU A 73 13.51 -1.69 10.57
C GLU A 73 12.12 -1.13 10.22
N ILE A 74 11.34 -1.73 9.32
CA ILE A 74 10.09 -1.13 8.91
C ILE A 74 9.08 -1.20 10.06
N ASN A 75 8.49 -0.05 10.34
CA ASN A 75 7.49 0.11 11.38
C ASN A 75 6.16 -0.51 10.96
N PRO A 76 5.65 -1.50 11.74
CA PRO A 76 4.40 -2.17 11.36
C PRO A 76 3.19 -1.23 11.27
N GLU A 77 3.11 -0.25 12.16
CA GLU A 77 2.00 0.72 12.10
C GLU A 77 2.09 1.52 10.80
N GLY A 78 3.28 2.00 10.48
CA GLY A 78 3.49 2.69 9.22
C GLY A 78 3.12 1.86 8.01
N PHE A 79 3.51 0.60 8.02
CA PHE A 79 3.12 -0.26 6.90
C PHE A 79 1.61 -0.42 6.81
N ASN A 80 0.97 -0.62 7.95
CA ASN A 80 -0.48 -0.84 7.96
C ASN A 80 -1.21 0.40 7.44
N ILE A 81 -0.75 1.59 7.83
CA ILE A 81 -1.32 2.82 7.33
C ILE A 81 -1.22 2.91 5.82
N LEU A 82 -0.08 2.52 5.27
CA LEU A 82 0.12 2.58 3.84
C LEU A 82 -0.67 1.50 3.08
N LEU A 83 -0.75 0.29 3.65
CA LEU A 83 -1.58 -0.76 3.06
C LEU A 83 -3.04 -0.33 2.99
N ASP A 84 -3.53 0.26 4.07
CA ASP A 84 -4.89 0.77 4.05
C ASP A 84 -5.02 1.88 3.01
N PHE A 85 -4.04 2.75 2.91
CA PHE A 85 -4.06 3.78 1.87
C PHE A 85 -4.18 3.16 0.47
N MET A 86 -3.41 2.12 0.19
CA MET A 86 -3.45 1.47 -1.11
C MET A 86 -4.86 1.06 -1.50
N TYR A 87 -5.57 0.53 -0.53
CA TYR A 87 -6.91 -0.01 -0.76
C TYR A 87 -8.05 0.98 -0.55
N THR A 88 -7.77 2.23 -0.18
CA THR A 88 -8.83 3.20 0.13
C THR A 88 -8.65 4.61 -0.44
N SER A 89 -7.41 5.00 -0.82
CA SER A 89 -7.12 6.38 -1.25
C SER A 89 -7.08 7.35 -0.08
N ARG A 90 -7.15 6.84 1.15
N ARG A 90 -7.16 6.83 1.13
CA ARG A 90 -7.20 7.66 2.35
CA ARG A 90 -7.19 7.67 2.33
C ARG A 90 -5.98 7.43 3.22
C ARG A 90 -5.93 7.42 3.16
N LEU A 91 -5.26 8.50 3.51
CA LEU A 91 -4.01 8.45 4.24
C LEU A 91 -4.19 9.03 5.63
N ASN A 92 -4.00 8.21 6.63
CA ASN A 92 -4.14 8.62 8.06
C ASN A 92 -2.80 9.19 8.54
N LEU A 93 -2.54 10.45 8.20
CA LEU A 93 -1.30 11.16 8.55
C LEU A 93 -1.50 12.07 9.77
N ARG A 94 -0.72 11.84 10.82
CA ARG A 94 -0.75 12.59 12.08
C ARG A 94 0.68 12.89 12.59
N GLU A 95 0.81 13.84 13.51
CA GLU A 95 2.12 14.19 14.05
C GLU A 95 2.80 13.01 14.75
N GLY A 96 2.03 12.15 15.39
CA GLY A 96 2.62 11.01 16.08
C GLY A 96 3.10 9.91 15.14
N ASN A 97 2.63 9.88 13.91
CA ASN A 97 3.05 8.85 12.96
C ASN A 97 3.73 9.32 11.67
N ILE A 98 3.83 10.62 11.46
CA ILE A 98 4.34 11.10 10.21
C ILE A 98 5.76 10.67 9.81
N MET A 99 6.68 10.63 10.75
CA MET A 99 8.07 10.23 10.42
C MET A 99 8.09 8.75 10.00
N ALA A 100 7.37 7.89 10.73
CA ALA A 100 7.28 6.44 10.43
C ALA A 100 6.60 6.23 9.08
N VAL A 101 5.51 6.95 8.81
CA VAL A 101 4.79 6.80 7.52
C VAL A 101 5.69 7.24 6.37
N MET A 102 6.40 8.36 6.54
CA MET A 102 7.27 8.92 5.47
C MET A 102 8.41 7.95 5.17
N ALA A 103 9.05 7.41 6.19
CA ALA A 103 10.17 6.46 6.03
C ALA A 103 9.66 5.21 5.33
N THR A 104 8.48 4.73 5.72
CA THR A 104 7.88 3.50 5.14
C THR A 104 7.53 3.78 3.68
N ALA A 105 6.96 4.95 3.37
CA ALA A 105 6.62 5.29 1.99
C ALA A 105 7.86 5.43 1.08
N MET A 106 8.96 5.93 1.63
CA MET A 106 10.23 5.96 0.90
C MET A 106 10.65 4.54 0.52
N TYR A 107 10.62 3.65 1.51
CA TYR A 107 11.00 2.25 1.30
C TYR A 107 10.08 1.58 0.29
N LEU A 108 8.77 1.81 0.41
CA LEU A 108 7.82 1.20 -0.52
C LEU A 108 7.80 1.87 -1.90
N GLN A 109 8.50 3.00 -2.01
CA GLN A 109 8.55 3.76 -3.26
C GLN A 109 7.15 4.23 -3.68
N MET A 110 6.53 5.02 -2.82
CA MET A 110 5.18 5.62 -3.02
C MET A 110 5.39 7.13 -3.00
N GLU A 111 5.70 7.69 -4.16
CA GLU A 111 6.19 9.10 -4.27
C GLU A 111 5.16 10.13 -3.83
N HIS A 112 3.88 9.96 -4.17
CA HIS A 112 2.86 10.98 -3.80
C HIS A 112 2.73 11.07 -2.27
N VAL A 113 2.81 9.97 -1.55
CA VAL A 113 2.68 9.94 -0.08
C VAL A 113 3.94 10.58 0.52
N VAL A 114 5.13 10.28 -0.01
CA VAL A 114 6.38 10.90 0.52
C VAL A 114 6.26 12.41 0.35
N ASP A 115 5.81 12.86 -0.82
CA ASP A 115 5.64 14.32 -1.10
C ASP A 115 4.60 14.90 -0.13
N THR A 116 3.52 14.18 0.13
CA THR A 116 2.45 14.63 1.06
C THR A 116 3.04 14.74 2.47
N CYS A 117 3.92 13.82 2.85
CA CYS A 117 4.60 13.85 4.17
C CYS A 117 5.48 15.11 4.26
N ARG A 118 6.14 15.46 3.14
N ARG A 118 6.14 15.45 3.14
CA ARG A 118 7.01 16.67 3.10
CA ARG A 118 7.01 16.66 3.09
C ARG A 118 6.12 17.91 3.28
C ARG A 118 6.12 17.89 3.29
N LYS A 119 4.94 17.87 2.66
CA LYS A 119 3.98 19.02 2.78
C LYS A 119 3.47 19.11 4.21
N PHE A 120 3.20 17.99 4.86
CA PHE A 120 2.69 17.96 6.21
C PHE A 120 3.73 18.58 7.14
N ILE A 121 4.98 18.18 6.95
CA ILE A 121 6.12 18.69 7.78
C ILE A 121 6.20 20.21 7.58
N LYS A 122 6.09 20.67 6.33
CA LYS A 122 6.19 22.10 5.97
C LYS A 122 5.03 22.93 6.52
N ALA A 123 3.82 22.38 6.49
CA ALA A 123 2.58 23.04 6.96
C ALA A 123 2.44 22.94 8.48
N SER A 124 3.42 22.34 9.13
CA SER A 124 3.35 22.17 10.55
C SER A 124 4.31 23.10 11.27
#